data_3P97
#
_entry.id   3P97
#
_cell.length_a   51.818
_cell.length_b   61.097
_cell.length_c   186.035
_cell.angle_alpha   90.00
_cell.angle_beta   90.00
_cell.angle_gamma   90.00
#
_symmetry.space_group_name_H-M   'P 2 21 21'
#
loop_
_entity.id
_entity.type
_entity.pdbx_description
1 polymer 'Non-structural protein 5'
2 non-polymer S-ADENOSYLMETHIONINE
3 water water
#
_entity_poly.entity_id   1
_entity_poly.type   'polypeptide(L)'
_entity_poly.pdbx_seq_one_letter_code
;GPLGSGTGSQGETLGEKWKKKLNQLSRKEFDLYKKSGITEVDRTEAKEGLKRGETTHHAVSRGSAKLQWFVERNMVIPEG
RVIDLGCGRGGWSYYCAGLKKVTEVRGYTKGGPGHEEPVPMSTYGWNIVKLMSGKDVFYLPPEKCDTLLCDIGESSPSPT
VEESRTIRVLKMVEPWLKNNQFCIKVLNPYMPTVIEHLERLQRKHGGMLVRNPLSRNSTHEMYWISNGTGNIVSSVNMVS
RLLLNRFTMTHRRPTIEKDVDLGAGTR
;
_entity_poly.pdbx_strand_id   A,C
#
# COMPACT_ATOMS: atom_id res chain seq x y z
N GLU A 12 7.25 -19.34 -24.86
CA GLU A 12 8.05 -18.09 -24.87
C GLU A 12 7.40 -17.04 -25.75
N THR A 13 7.08 -15.90 -25.13
CA THR A 13 6.39 -14.82 -25.81
C THR A 13 7.32 -14.09 -26.79
N LEU A 14 6.71 -13.39 -27.75
CA LEU A 14 7.48 -12.48 -28.61
C LEU A 14 8.31 -11.51 -27.77
N GLY A 15 7.69 -10.97 -26.72
CA GLY A 15 8.37 -10.06 -25.81
C GLY A 15 9.59 -10.65 -25.14
N GLU A 16 9.52 -11.91 -24.70
CA GLU A 16 10.68 -12.54 -24.11
C GLU A 16 11.84 -12.73 -25.10
N LYS A 17 11.51 -12.98 -26.37
CA LYS A 17 12.53 -13.07 -27.42
C LYS A 17 13.22 -11.74 -27.64
N TRP A 18 12.43 -10.65 -27.68
CA TRP A 18 12.99 -9.29 -27.77
C TRP A 18 13.96 -9.08 -26.62
N LYS A 19 13.57 -9.55 -25.44
CA LYS A 19 14.36 -9.27 -24.27
C LYS A 19 15.77 -9.92 -24.06
N LYS A 20 15.96 -11.24 -24.11
CA LYS A 20 16.86 -11.99 -25.00
C LYS A 20 17.82 -11.26 -25.91
N LYS A 21 17.31 -10.74 -27.02
CA LYS A 21 18.15 -10.04 -27.97
C LYS A 21 18.74 -8.77 -27.38
N LEU A 22 17.89 -7.97 -26.73
CA LEU A 22 18.31 -6.73 -26.08
C LEU A 22 19.50 -6.98 -25.16
N ASN A 23 19.39 -8.03 -24.36
CA ASN A 23 20.41 -8.37 -23.38
C ASN A 23 21.75 -8.82 -24.02
N GLN A 24 21.67 -9.34 -25.25
CA GLN A 24 22.85 -9.78 -26.04
C GLN A 24 23.63 -8.62 -26.64
N LEU A 25 23.02 -7.44 -26.76
CA LEU A 25 23.69 -6.29 -27.40
C LEU A 25 24.90 -5.78 -26.64
N SER A 26 25.95 -5.41 -27.38
CA SER A 26 27.04 -4.63 -26.81
C SER A 26 26.48 -3.28 -26.41
N ARG A 27 27.20 -2.56 -25.56
CA ARG A 27 26.80 -1.20 -25.20
C ARG A 27 26.68 -0.29 -26.42
N LYS A 28 27.61 -0.45 -27.37
CA LYS A 28 27.58 0.35 -28.60
C LYS A 28 26.27 0.13 -29.38
N GLU A 29 25.99 -1.13 -29.67
CA GLU A 29 24.76 -1.59 -30.30
C GLU A 29 23.51 -1.16 -29.52
N PHE A 30 23.56 -1.30 -28.19
CA PHE A 30 22.42 -0.90 -27.36
C PHE A 30 22.10 0.59 -27.51
N ASP A 31 23.14 1.42 -27.46
CA ASP A 31 23.01 2.87 -27.55
C ASP A 31 22.45 3.30 -28.90
N LEU A 32 22.79 2.58 -29.96
CA LEU A 32 22.20 2.88 -31.27
C LEU A 32 20.79 2.34 -31.39
N TYR A 33 20.55 1.16 -30.83
CA TYR A 33 19.24 0.55 -30.91
C TYR A 33 18.15 1.36 -30.17
N LYS A 34 18.53 1.91 -29.01
CA LYS A 34 17.52 2.38 -28.05
C LYS A 34 16.68 3.57 -28.59
N LYS A 35 17.25 4.36 -29.50
CA LYS A 35 16.55 5.51 -30.07
C LYS A 35 16.20 5.31 -31.57
N SER A 36 16.43 4.12 -32.11
CA SER A 36 16.28 3.90 -33.56
C SER A 36 14.80 4.01 -33.94
N GLY A 37 14.46 5.05 -34.71
CA GLY A 37 13.11 5.21 -35.22
C GLY A 37 12.10 5.71 -34.18
N ILE A 38 12.54 6.06 -32.98
CA ILE A 38 11.59 6.62 -31.99
C ILE A 38 11.31 8.10 -32.25
N THR A 39 10.41 8.68 -31.44
CA THR A 39 10.22 10.11 -31.42
C THR A 39 10.84 10.58 -30.12
N GLU A 40 11.45 11.74 -30.17
CA GLU A 40 11.97 12.40 -28.96
C GLU A 40 11.90 13.92 -29.05
N VAL A 41 11.68 14.56 -27.90
CA VAL A 41 11.70 16.01 -27.87
C VAL A 41 13.13 16.54 -27.72
N ASP A 42 13.37 17.69 -28.31
CA ASP A 42 14.65 18.34 -28.17
C ASP A 42 14.77 19.03 -26.81
N ARG A 43 15.52 18.43 -25.90
CA ARG A 43 15.71 18.95 -24.55
C ARG A 43 16.82 20.01 -24.39
N THR A 44 17.48 20.37 -25.49
CA THR A 44 18.66 21.27 -25.42
C THR A 44 18.38 22.53 -24.61
N GLU A 45 17.34 23.26 -25.01
CA GLU A 45 17.00 24.56 -24.40
C GLU A 45 16.60 24.42 -22.94
N ALA A 46 15.80 23.39 -22.63
CA ALA A 46 15.38 23.13 -21.25
C ALA A 46 16.58 22.80 -20.34
N LYS A 47 17.45 21.91 -20.79
CA LYS A 47 18.60 21.51 -20.00
C LYS A 47 19.49 22.71 -19.70
N GLU A 48 19.76 23.53 -20.71
CA GLU A 48 20.57 24.76 -20.54
C GLU A 48 19.93 25.73 -19.54
N GLY A 49 18.62 25.92 -19.65
CA GLY A 49 17.84 26.74 -18.72
C GLY A 49 17.76 26.21 -17.30
N LEU A 50 17.60 24.88 -17.16
CA LEU A 50 17.61 24.24 -15.84
C LEU A 50 18.99 24.31 -15.20
N LYS A 51 20.04 24.18 -16.02
CA LYS A 51 21.42 24.33 -15.56
C LYS A 51 21.67 25.72 -14.92
N ARG A 52 20.88 26.71 -15.33
CA ARG A 52 21.00 28.10 -14.86
C ARG A 52 19.97 28.51 -13.81
N GLY A 53 19.19 27.54 -13.32
CA GLY A 53 18.25 27.77 -12.24
C GLY A 53 16.96 28.45 -12.62
N GLU A 54 16.60 28.38 -13.91
CA GLU A 54 15.35 28.96 -14.39
C GLU A 54 14.15 28.12 -13.93
N THR A 55 13.10 28.79 -13.45
CA THR A 55 11.91 28.11 -12.89
C THR A 55 10.63 28.27 -13.68
N THR A 56 10.69 28.98 -14.81
CA THR A 56 9.52 29.09 -15.66
C THR A 56 9.80 28.50 -17.06
N HIS A 57 8.71 28.20 -17.76
CA HIS A 57 8.70 27.61 -19.11
C HIS A 57 9.16 26.14 -19.21
N HIS A 58 10.32 25.83 -18.64
CA HIS A 58 10.98 24.53 -18.88
C HIS A 58 10.29 23.39 -18.18
N ALA A 59 10.11 22.27 -18.89
CA ALA A 59 9.76 21.00 -18.24
C ALA A 59 11.02 20.47 -17.55
N VAL A 60 10.81 19.87 -16.39
CA VAL A 60 11.92 19.39 -15.59
C VAL A 60 12.49 18.06 -16.11
N SER A 61 11.69 17.37 -16.93
CA SER A 61 12.09 16.07 -17.50
C SER A 61 11.43 15.88 -18.86
N ARG A 62 11.84 14.83 -19.58
CA ARG A 62 11.08 14.39 -20.78
C ARG A 62 9.65 13.93 -20.46
N GLY A 63 9.30 13.77 -19.17
CA GLY A 63 8.01 13.21 -18.80
C GLY A 63 6.85 14.12 -19.15
N SER A 64 7.06 15.44 -19.11
CA SER A 64 5.96 16.36 -19.40
C SER A 64 5.49 16.11 -20.83
N ALA A 65 6.44 16.04 -21.76
CA ALA A 65 6.06 15.79 -23.17
C ALA A 65 5.44 14.39 -23.32
N LYS A 66 5.91 13.40 -22.54
CA LYS A 66 5.39 12.02 -22.65
C LYS A 66 3.91 11.94 -22.23
N LEU A 67 3.59 12.61 -21.14
CA LEU A 67 2.21 12.59 -20.64
C LEU A 67 1.34 13.44 -21.58
N GLN A 68 1.89 14.56 -22.02
CA GLN A 68 1.19 15.43 -23.00
C GLN A 68 0.71 14.62 -24.21
N TRP A 69 1.55 13.68 -24.69
CA TRP A 69 1.16 12.90 -25.85
C TRP A 69 -0.18 12.19 -25.61
N PHE A 70 -0.33 11.58 -24.43
CA PHE A 70 -1.59 10.91 -24.08
C PHE A 70 -2.75 11.91 -23.93
N VAL A 71 -2.48 13.02 -23.27
CA VAL A 71 -3.54 13.96 -22.89
C VAL A 71 -4.09 14.60 -24.15
N GLU A 72 -3.18 14.96 -25.06
CA GLU A 72 -3.61 15.66 -26.29
C GLU A 72 -4.43 14.76 -27.22
N ARG A 73 -4.36 13.46 -27.00
CA ARG A 73 -5.15 12.44 -27.72
C ARG A 73 -6.34 11.92 -26.90
N ASN A 74 -6.65 12.62 -25.80
CA ASN A 74 -7.81 12.29 -24.94
C ASN A 74 -7.81 10.88 -24.34
N MET A 75 -6.62 10.29 -24.20
CA MET A 75 -6.53 8.92 -23.73
C MET A 75 -6.65 8.87 -22.21
N VAL A 76 -6.19 9.96 -21.61
CA VAL A 76 -6.43 10.32 -20.23
C VAL A 76 -6.69 11.82 -20.20
N ILE A 77 -7.73 12.22 -19.47
CA ILE A 77 -8.09 13.62 -19.42
C ILE A 77 -8.08 14.10 -17.97
N PRO A 78 -6.93 14.65 -17.51
CA PRO A 78 -6.76 14.96 -16.09
C PRO A 78 -7.79 15.99 -15.63
N GLU A 79 -8.38 15.72 -14.46
CA GLU A 79 -9.45 16.56 -13.92
C GLU A 79 -9.41 16.42 -12.40
N GLY A 80 -9.91 17.45 -11.74
CA GLY A 80 -10.06 17.43 -10.29
C GLY A 80 -8.74 17.27 -9.56
N ARG A 81 -8.77 16.38 -8.57
CA ARG A 81 -7.59 16.12 -7.78
C ARG A 81 -6.80 15.02 -8.45
N VAL A 82 -5.59 15.37 -8.84
CA VAL A 82 -4.72 14.47 -9.58
C VAL A 82 -3.64 13.90 -8.62
N ILE A 83 -3.50 12.58 -8.57
CA ILE A 83 -2.41 11.92 -7.79
C ILE A 83 -1.36 11.48 -8.81
N ASP A 84 -0.10 11.84 -8.56
CA ASP A 84 1.00 11.43 -9.44
C ASP A 84 1.98 10.54 -8.65
N LEU A 85 1.85 9.23 -8.82
CA LEU A 85 2.63 8.21 -8.06
C LEU A 85 3.98 7.99 -8.79
N GLY A 86 5.10 8.10 -8.04
CA GLY A 86 6.53 8.19 -8.53
C GLY A 86 6.55 9.34 -9.51
N CYS A 87 6.18 10.53 -9.04
CA CYS A 87 6.68 11.80 -9.55
C CYS A 87 8.07 12.13 -10.00
N GLY A 88 9.07 11.55 -9.35
CA GLY A 88 10.45 11.95 -9.64
C GLY A 88 10.60 13.46 -9.60
N ARG A 89 11.26 14.03 -10.61
CA ARG A 89 11.48 15.48 -10.69
C ARG A 89 10.18 16.28 -10.78
N GLY A 90 9.13 15.66 -11.33
CA GLY A 90 7.79 16.26 -11.33
C GLY A 90 7.21 16.54 -12.71
N GLY A 91 7.78 15.96 -13.75
CA GLY A 91 7.29 16.27 -15.13
C GLY A 91 5.80 16.11 -15.35
N TRP A 92 5.21 15.03 -14.83
CA TRP A 92 3.80 14.79 -15.02
C TRP A 92 2.98 15.82 -14.22
N SER A 93 3.43 16.11 -13.01
CA SER A 93 2.72 17.00 -12.09
C SER A 93 2.65 18.42 -12.61
N TYR A 94 3.79 18.95 -13.04
CA TYR A 94 3.86 20.30 -13.55
C TYR A 94 3.05 20.43 -14.85
N TYR A 95 3.12 19.42 -15.70
CA TYR A 95 2.22 19.40 -16.88
C TYR A 95 0.72 19.48 -16.51
N CYS A 96 0.26 18.56 -15.66
CA CYS A 96 -1.14 18.50 -15.26
C CYS A 96 -1.60 19.79 -14.60
N ALA A 97 -0.65 20.49 -13.98
CA ALA A 97 -0.95 21.70 -13.20
C ALA A 97 -1.53 22.80 -14.09
N GLY A 98 -1.19 22.75 -15.37
CA GLY A 98 -1.68 23.78 -16.31
C GLY A 98 -2.97 23.46 -17.03
N LEU A 99 -3.54 22.28 -16.79
CA LEU A 99 -4.72 21.83 -17.53
C LEU A 99 -6.01 22.37 -16.89
N LYS A 100 -6.90 22.93 -17.70
CA LYS A 100 -8.07 23.66 -17.14
C LYS A 100 -8.95 22.89 -16.13
N LYS A 101 -9.18 21.60 -16.33
CA LYS A 101 -10.08 20.85 -15.46
C LYS A 101 -9.44 20.43 -14.12
N VAL A 102 -8.14 20.62 -14.01
CA VAL A 102 -7.38 20.10 -12.85
C VAL A 102 -7.40 21.12 -11.72
N THR A 103 -7.78 20.66 -10.52
CA THR A 103 -7.90 21.53 -9.35
C THR A 103 -6.80 21.36 -8.30
N GLU A 104 -6.19 20.18 -8.29
CA GLU A 104 -5.12 19.90 -7.32
C GLU A 104 -4.21 18.81 -7.87
N VAL A 105 -2.92 18.95 -7.61
CA VAL A 105 -1.91 17.94 -8.00
C VAL A 105 -1.05 17.55 -6.79
N ARG A 106 -1.17 16.26 -6.42
CA ARG A 106 -0.35 15.68 -5.34
CA ARG A 106 -0.36 15.69 -5.34
C ARG A 106 0.59 14.65 -5.94
N GLY A 107 1.90 14.91 -5.85
CA GLY A 107 2.92 13.95 -6.34
C GLY A 107 3.69 13.28 -5.20
N TYR A 108 3.96 11.99 -5.35
CA TYR A 108 4.72 11.25 -4.32
C TYR A 108 5.85 10.54 -5.01
N THR A 109 7.02 10.54 -4.38
CA THR A 109 8.16 9.85 -4.95
C THR A 109 9.14 9.45 -3.85
N LYS A 110 9.92 8.41 -4.15
CA LYS A 110 10.86 7.81 -3.17
C LYS A 110 11.99 8.77 -2.81
N GLY A 111 12.69 9.28 -3.82
CA GLY A 111 13.84 10.16 -3.62
C GLY A 111 14.94 9.40 -2.87
N GLY A 112 15.93 10.12 -2.38
CA GLY A 112 17.07 9.50 -1.72
C GLY A 112 18.01 8.84 -2.74
N PRO A 113 19.03 8.12 -2.26
CA PRO A 113 19.96 7.53 -3.23
C PRO A 113 19.40 6.38 -4.12
N GLY A 114 19.60 6.29 -5.42
CA GLY A 114 18.39 6.06 -6.22
C GLY A 114 18.10 6.91 -7.36
N HIS A 115 17.45 8.02 -7.12
CA HIS A 115 16.01 8.15 -7.04
C HIS A 115 15.98 9.66 -7.16
N GLU A 116 15.36 10.16 -8.21
CA GLU A 116 15.28 11.60 -8.42
C GLU A 116 14.47 12.31 -7.34
N GLU A 117 14.91 13.53 -7.00
CA GLU A 117 14.17 14.39 -6.09
C GLU A 117 13.29 15.35 -6.89
N PRO A 118 12.13 15.72 -6.33
CA PRO A 118 11.30 16.73 -6.94
C PRO A 118 12.08 18.01 -7.17
N VAL A 119 11.80 18.67 -8.29
CA VAL A 119 12.43 19.96 -8.63
C VAL A 119 11.35 21.04 -8.47
N PRO A 120 11.63 22.09 -7.66
CA PRO A 120 10.58 23.11 -7.48
C PRO A 120 10.56 24.01 -8.72
N MET A 121 9.37 24.30 -9.21
CA MET A 121 9.19 25.17 -10.38
C MET A 121 8.04 26.13 -10.16
N SER A 122 8.01 27.17 -10.99
CA SER A 122 6.95 28.16 -10.97
C SER A 122 6.33 28.27 -12.37
N THR A 123 6.16 27.11 -13.02
CA THR A 123 5.49 27.04 -14.29
C THR A 123 3.99 27.20 -14.04
N TYR A 124 3.19 27.44 -15.09
CA TYR A 124 1.75 27.70 -14.89
C TYR A 124 0.98 26.66 -14.04
N GLY A 125 0.37 27.14 -12.95
CA GLY A 125 -0.45 26.28 -12.09
C GLY A 125 0.31 25.63 -10.93
N TRP A 126 1.55 26.05 -10.75
CA TRP A 126 2.44 25.49 -9.74
C TRP A 126 1.80 25.53 -8.34
N ASN A 127 0.85 26.46 -8.15
CA ASN A 127 0.24 26.65 -6.83
C ASN A 127 -0.70 25.53 -6.41
N ILE A 128 -1.11 24.68 -7.35
CA ILE A 128 -2.05 23.60 -7.01
C ILE A 128 -1.25 22.30 -6.84
N VAL A 129 0.08 22.42 -6.96
CA VAL A 129 1.05 21.28 -6.89
C VAL A 129 1.72 21.14 -5.51
N LYS A 130 1.71 19.93 -4.98
CA LYS A 130 2.57 19.56 -3.85
C LYS A 130 3.27 18.24 -4.17
N LEU A 131 4.58 18.30 -4.26
CA LEU A 131 5.43 17.12 -4.52
C LEU A 131 6.12 16.69 -3.22
N MET A 132 5.97 15.40 -2.90
CA MET A 132 6.49 14.90 -1.63
C MET A 132 7.46 13.76 -1.87
N SER A 133 8.72 13.96 -1.45
CA SER A 133 9.75 12.92 -1.53
C SER A 133 9.82 12.11 -0.23
N GLY A 134 10.64 11.04 -0.21
CA GLY A 134 10.68 10.15 0.97
C GLY A 134 9.44 9.29 1.10
N LYS A 135 8.74 9.07 -0.02
CA LYS A 135 7.46 8.40 0.02
C LYS A 135 7.49 7.16 -0.87
N ASP A 136 7.52 5.99 -0.24
CA ASP A 136 7.41 4.74 -0.97
C ASP A 136 5.92 4.44 -1.14
N VAL A 137 5.42 4.53 -2.38
CA VAL A 137 3.97 4.29 -2.58
C VAL A 137 3.44 2.90 -2.21
N PHE A 138 4.32 1.91 -2.04
CA PHE A 138 3.84 0.59 -1.63
C PHE A 138 3.41 0.57 -0.15
N TYR A 139 3.70 1.66 0.55
CA TYR A 139 3.26 1.79 1.93
C TYR A 139 2.25 2.90 2.13
N LEU A 140 1.78 3.50 1.02
CA LEU A 140 0.81 4.60 1.13
C LEU A 140 -0.64 4.11 1.12
N PRO A 141 -1.48 4.63 2.03
CA PRO A 141 -2.89 4.25 1.91
C PRO A 141 -3.51 5.08 0.78
N PRO A 142 -4.49 4.51 0.07
CA PRO A 142 -5.14 5.24 -1.04
C PRO A 142 -5.85 6.53 -0.58
N GLU A 143 -5.84 7.54 -1.44
CA GLU A 143 -6.50 8.82 -1.18
C GLU A 143 -7.58 9.03 -2.25
N LYS A 144 -8.62 9.80 -1.88
CA LYS A 144 -9.61 10.28 -2.85
C LYS A 144 -8.92 11.10 -3.92
N CYS A 145 -9.20 10.76 -5.18
CA CYS A 145 -8.69 11.53 -6.31
C CYS A 145 -9.62 11.32 -7.50
N ASP A 146 -9.54 12.26 -8.43
CA ASP A 146 -10.33 12.18 -9.68
C ASP A 146 -9.49 11.70 -10.86
N THR A 147 -8.18 11.72 -10.69
CA THR A 147 -7.24 11.27 -11.73
C THR A 147 -6.07 10.59 -11.00
N LEU A 148 -5.73 9.40 -11.45
CA LEU A 148 -4.64 8.67 -10.83
C LEU A 148 -3.59 8.42 -11.89
N LEU A 149 -2.38 8.90 -11.66
CA LEU A 149 -1.28 8.74 -12.61
C LEU A 149 -0.24 7.94 -11.88
N CYS A 150 0.43 7.04 -12.59
CA CYS A 150 1.53 6.28 -12.01
C CYS A 150 2.58 5.99 -13.08
N ASP A 151 3.84 6.35 -12.80
CA ASP A 151 4.91 6.16 -13.80
C ASP A 151 6.06 5.30 -13.22
N ILE A 152 5.69 4.39 -12.34
CA ILE A 152 6.64 3.54 -11.64
C ILE A 152 6.89 2.22 -12.36
N GLY A 153 8.16 1.85 -12.42
CA GLY A 153 8.52 0.53 -12.95
C GLY A 153 9.96 0.59 -13.44
N GLU A 154 10.86 0.03 -12.64
CA GLU A 154 12.30 0.07 -12.92
C GLU A 154 12.72 -1.12 -13.80
N SER A 155 13.34 -0.82 -14.95
CA SER A 155 13.79 -1.89 -15.87
C SER A 155 14.83 -2.78 -15.21
N SER A 156 14.86 -4.03 -15.65
CA SER A 156 15.87 -4.99 -15.17
C SER A 156 16.19 -5.89 -16.33
N PRO A 157 17.45 -6.36 -16.43
CA PRO A 157 17.77 -7.40 -17.43
C PRO A 157 16.93 -8.66 -17.26
N SER A 158 16.43 -8.90 -16.05
CA SER A 158 15.58 -10.05 -15.78
C SER A 158 14.09 -9.77 -16.04
N PRO A 159 13.48 -10.43 -17.05
CA PRO A 159 12.02 -10.22 -17.25
C PRO A 159 11.16 -10.77 -16.10
N THR A 160 11.70 -11.71 -15.33
CA THR A 160 10.97 -12.23 -14.15
C THR A 160 10.96 -11.19 -13.02
N VAL A 161 12.08 -10.49 -12.82
CA VAL A 161 12.10 -9.34 -11.91
C VAL A 161 11.11 -8.27 -12.38
N GLU A 162 11.14 -7.96 -13.67
CA GLU A 162 10.21 -6.97 -14.20
C GLU A 162 8.75 -7.40 -14.03
N GLU A 163 8.48 -8.70 -14.19
CA GLU A 163 7.10 -9.21 -14.06
C GLU A 163 6.61 -8.93 -12.62
N SER A 164 7.48 -9.21 -11.65
CA SER A 164 7.17 -8.98 -10.24
C SER A 164 6.90 -7.50 -9.97
N ARG A 165 7.80 -6.63 -10.46
CA ARG A 165 7.64 -5.17 -10.31
C ARG A 165 6.34 -4.67 -10.92
N THR A 166 6.00 -5.20 -12.11
CA THR A 166 4.80 -4.78 -12.85
C THR A 166 3.51 -5.20 -12.14
N ILE A 167 3.44 -6.47 -11.79
CA ILE A 167 2.30 -7.00 -10.99
C ILE A 167 2.13 -6.25 -9.66
N ARG A 168 3.23 -5.98 -8.97
CA ARG A 168 3.16 -5.22 -7.73
C ARG A 168 2.55 -3.82 -7.94
N VAL A 169 2.96 -3.14 -9.01
CA VAL A 169 2.40 -1.84 -9.34
C VAL A 169 0.90 -1.97 -9.60
N LEU A 170 0.52 -2.96 -10.39
CA LEU A 170 -0.90 -3.13 -10.78
C LEU A 170 -1.77 -3.36 -9.55
N LYS A 171 -1.27 -4.19 -8.64
CA LYS A 171 -2.00 -4.45 -7.39
C LYS A 171 -2.06 -3.19 -6.52
N MET A 172 -0.97 -2.44 -6.47
CA MET A 172 -0.90 -1.23 -5.66
C MET A 172 -1.86 -0.14 -6.15
N VAL A 173 -2.01 0.02 -7.45
CA VAL A 173 -2.81 1.14 -7.94
C VAL A 173 -4.32 0.89 -7.85
N GLU A 174 -4.73 -0.37 -7.82
CA GLU A 174 -6.14 -0.71 -7.94
C GLU A 174 -7.03 0.08 -6.96
N PRO A 175 -6.70 0.09 -5.65
CA PRO A 175 -7.53 0.82 -4.67
C PRO A 175 -7.66 2.33 -4.92
N TRP A 176 -6.73 2.90 -5.67
CA TRP A 176 -6.74 4.32 -6.00
C TRP A 176 -7.67 4.62 -7.18
N LEU A 177 -8.10 3.57 -7.88
CA LEU A 177 -9.01 3.66 -9.05
C LEU A 177 -10.46 3.64 -8.59
N LYS A 178 -11.10 4.79 -8.65
CA LYS A 178 -12.45 4.95 -8.12
C LYS A 178 -13.29 5.55 -9.21
N ASN A 179 -13.52 4.75 -10.26
CA ASN A 179 -14.17 5.25 -11.46
C ASN A 179 -13.57 6.61 -11.81
N ASN A 180 -12.22 6.67 -11.86
CA ASN A 180 -11.54 7.93 -12.17
C ASN A 180 -10.70 7.83 -13.46
N GLN A 181 -10.18 8.95 -13.90
CA GLN A 181 -9.32 8.98 -15.09
C GLN A 181 -8.03 8.35 -14.63
N PHE A 182 -7.32 7.67 -15.51
CA PHE A 182 -6.02 7.13 -15.08
C PHE A 182 -5.02 6.92 -16.23
N CYS A 183 -3.74 6.89 -15.86
CA CYS A 183 -2.66 6.59 -16.83
C CYS A 183 -1.56 5.93 -15.99
N ILE A 184 -1.30 4.66 -16.27
CA ILE A 184 -0.43 3.86 -15.38
C ILE A 184 0.59 3.14 -16.24
N LYS A 185 1.87 3.38 -15.96
CA LYS A 185 2.89 2.61 -16.64
C LYS A 185 2.82 1.11 -16.35
N VAL A 186 2.92 0.31 -17.41
CA VAL A 186 3.04 -1.14 -17.32
C VAL A 186 4.42 -1.50 -17.86
N LEU A 187 5.36 -1.65 -16.94
CA LEU A 187 6.77 -1.83 -17.30
C LEU A 187 6.96 -3.00 -18.23
N ASN A 188 6.43 -4.14 -17.86
CA ASN A 188 6.58 -5.34 -18.67
C ASN A 188 5.19 -5.90 -18.90
N PRO A 189 4.60 -5.58 -20.06
CA PRO A 189 3.23 -5.98 -20.38
C PRO A 189 3.13 -7.32 -21.10
N TYR A 190 4.26 -7.97 -21.38
CA TYR A 190 4.28 -9.18 -22.23
C TYR A 190 4.33 -10.51 -21.51
N MET A 191 4.71 -10.49 -20.23
CA MET A 191 4.75 -11.74 -19.47
C MET A 191 3.31 -12.22 -19.25
N PRO A 192 3.04 -13.52 -19.51
CA PRO A 192 1.68 -14.09 -19.42
C PRO A 192 0.90 -13.71 -18.14
N THR A 193 1.54 -13.77 -16.97
CA THR A 193 0.86 -13.48 -15.71
C THR A 193 0.43 -12.01 -15.67
N VAL A 194 1.26 -11.11 -16.24
CA VAL A 194 0.87 -9.70 -16.30
C VAL A 194 -0.36 -9.52 -17.18
N ILE A 195 -0.38 -10.17 -18.34
CA ILE A 195 -1.54 -10.12 -19.25
C ILE A 195 -2.83 -10.53 -18.52
N GLU A 196 -2.77 -11.63 -17.76
CA GLU A 196 -3.91 -12.07 -16.93
C GLU A 196 -4.44 -10.99 -15.99
N HIS A 197 -3.54 -10.33 -15.25
CA HIS A 197 -3.93 -9.21 -14.40
C HIS A 197 -4.52 -8.08 -15.22
N LEU A 198 -3.86 -7.71 -16.32
CA LEU A 198 -4.34 -6.60 -17.15
C LEU A 198 -5.74 -6.87 -17.69
N GLU A 199 -5.99 -8.11 -18.10
CA GLU A 199 -7.29 -8.51 -18.62
C GLU A 199 -8.38 -8.45 -17.56
N ARG A 200 -8.06 -8.89 -16.34
CA ARG A 200 -8.98 -8.74 -15.19
C ARG A 200 -9.28 -7.27 -14.88
N LEU A 201 -8.24 -6.45 -14.84
CA LEU A 201 -8.39 -5.03 -14.53
C LEU A 201 -9.19 -4.27 -15.61
N GLN A 202 -8.97 -4.65 -16.87
CA GLN A 202 -9.66 -4.00 -17.99
C GLN A 202 -11.15 -4.36 -17.92
N ARG A 203 -11.46 -5.63 -17.63
CA ARG A 203 -12.86 -6.04 -17.40
C ARG A 203 -13.54 -5.20 -16.32
N LYS A 204 -12.82 -4.92 -15.24
CA LYS A 204 -13.36 -4.18 -14.10
C LYS A 204 -13.40 -2.67 -14.30
N HIS A 205 -12.32 -2.08 -14.81
CA HIS A 205 -12.12 -0.64 -14.83
C HIS A 205 -12.05 -0.09 -16.26
N GLY A 206 -12.01 -0.97 -17.26
CA GLY A 206 -12.00 -0.54 -18.68
C GLY A 206 -10.66 0.03 -19.07
N GLY A 207 -10.68 0.94 -20.03
CA GLY A 207 -9.45 1.53 -20.59
C GLY A 207 -8.71 0.60 -21.54
N MET A 208 -7.49 0.98 -21.91
CA MET A 208 -6.75 0.21 -22.90
C MET A 208 -5.24 0.41 -22.69
N LEU A 209 -4.43 -0.52 -23.23
CA LEU A 209 -2.97 -0.44 -23.15
C LEU A 209 -2.44 0.20 -24.44
N VAL A 210 -1.59 1.23 -24.28
CA VAL A 210 -1.10 2.03 -25.42
C VAL A 210 0.42 2.23 -25.37
N ARG A 211 1.06 2.06 -26.53
CA ARG A 211 2.48 2.34 -26.66
C ARG A 211 2.72 3.81 -27.00
N ASN A 212 3.54 4.49 -26.20
CA ASN A 212 3.86 5.89 -26.47
C ASN A 212 5.03 5.96 -27.45
N PRO A 213 4.90 6.75 -28.55
CA PRO A 213 6.06 6.79 -29.50
C PRO A 213 7.33 7.43 -28.94
N LEU A 214 7.22 8.13 -27.80
CA LEU A 214 8.38 8.73 -27.16
C LEU A 214 9.14 7.74 -26.25
N SER A 215 8.58 6.53 -26.07
CA SER A 215 9.28 5.49 -25.32
C SER A 215 10.47 4.99 -26.15
N ARG A 216 11.59 4.78 -25.47
CA ARG A 216 12.77 4.17 -26.09
C ARG A 216 12.58 2.70 -26.44
N ASN A 217 13.34 2.22 -27.42
CA ASN A 217 13.21 0.82 -27.85
C ASN A 217 13.78 -0.14 -26.80
N SER A 218 14.51 0.42 -25.85
CA SER A 218 15.13 -0.35 -24.75
C SER A 218 14.15 -0.75 -23.66
N THR A 219 12.89 -0.33 -23.78
CA THR A 219 11.85 -0.74 -22.84
C THR A 219 10.60 -1.11 -23.60
N HIS A 220 9.91 -2.16 -23.13
CA HIS A 220 8.65 -2.62 -23.71
C HIS A 220 7.44 -1.95 -23.04
N GLU A 221 7.70 -0.92 -22.22
CA GLU A 221 6.63 -0.27 -21.42
C GLU A 221 5.45 0.14 -22.30
N MET A 222 4.26 -0.06 -21.77
CA MET A 222 3.04 0.49 -22.36
C MET A 222 2.24 1.08 -21.20
N TYR A 223 1.31 1.98 -21.52
CA TYR A 223 0.53 2.68 -20.51
C TYR A 223 -0.93 2.25 -20.58
N TRP A 224 -1.44 1.84 -19.42
CA TRP A 224 -2.86 1.60 -19.24
C TRP A 224 -3.54 2.93 -19.01
N ILE A 225 -4.27 3.40 -20.04
CA ILE A 225 -4.99 4.65 -19.95
C ILE A 225 -6.53 4.39 -19.87
N SER A 226 -7.26 5.34 -19.32
CA SER A 226 -8.67 5.08 -18.98
C SER A 226 -9.63 5.21 -20.18
N ASN A 227 -9.29 6.09 -21.11
CA ASN A 227 -10.21 6.40 -22.24
C ASN A 227 -9.80 5.70 -23.54
N GLY A 228 -10.22 4.46 -23.66
CA GLY A 228 -9.95 3.69 -24.85
C GLY A 228 -10.47 2.30 -24.63
N THR A 229 -10.46 1.54 -25.69
CA THR A 229 -10.83 0.15 -25.62
C THR A 229 -9.97 -0.61 -26.64
N GLY A 230 -9.94 -1.94 -26.54
CA GLY A 230 -9.18 -2.75 -27.49
C GLY A 230 -8.69 -4.06 -26.90
N ASN A 231 -8.02 -4.84 -27.73
CA ASN A 231 -7.52 -6.13 -27.33
C ASN A 231 -6.11 -5.98 -26.79
N ILE A 232 -5.92 -6.27 -25.51
CA ILE A 232 -4.61 -6.05 -24.87
C ILE A 232 -3.52 -6.93 -25.47
N VAL A 233 -3.79 -8.23 -25.58
CA VAL A 233 -2.84 -9.18 -26.16
C VAL A 233 -2.38 -8.74 -27.57
N SER A 234 -3.32 -8.29 -28.41
CA SER A 234 -2.98 -7.83 -29.76
C SER A 234 -2.08 -6.60 -29.70
N SER A 235 -2.38 -5.66 -28.79
CA SER A 235 -1.57 -4.42 -28.68
C SER A 235 -0.14 -4.72 -28.24
N VAL A 236 -0.01 -5.70 -27.35
CA VAL A 236 1.30 -6.07 -26.78
C VAL A 236 2.18 -6.74 -27.84
N ASN A 237 1.60 -7.71 -28.54
CA ASN A 237 2.27 -8.39 -29.61
C ASN A 237 2.70 -7.47 -30.76
N MET A 238 1.84 -6.49 -31.08
CA MET A 238 2.20 -5.40 -32.02
C MET A 238 3.49 -4.72 -31.61
N VAL A 239 3.59 -4.37 -30.33
CA VAL A 239 4.80 -3.73 -29.82
C VAL A 239 6.00 -4.69 -29.90
N SER A 240 5.83 -5.93 -29.46
CA SER A 240 6.94 -6.89 -29.55
C SER A 240 7.49 -7.03 -31.00
N ARG A 241 6.58 -7.10 -31.99
CA ARG A 241 6.96 -7.17 -33.40
C ARG A 241 7.68 -5.88 -33.84
N LEU A 242 7.14 -4.73 -33.44
CA LEU A 242 7.82 -3.45 -33.71
C LEU A 242 9.27 -3.43 -33.19
N LEU A 243 9.44 -3.76 -31.92
CA LEU A 243 10.75 -3.70 -31.27
C LEU A 243 11.75 -4.73 -31.84
N LEU A 244 11.23 -5.89 -32.22
CA LEU A 244 12.06 -6.93 -32.83
C LEU A 244 12.48 -6.51 -34.25
N ASN A 245 11.55 -5.97 -35.00
CA ASN A 245 11.88 -5.38 -36.31
C ASN A 245 12.98 -4.30 -36.26
N ARG A 246 12.99 -3.49 -35.19
CA ARG A 246 14.00 -2.44 -35.06
C ARG A 246 15.42 -2.95 -34.77
N PHE A 247 15.56 -4.24 -34.51
CA PHE A 247 16.89 -4.87 -34.40
C PHE A 247 17.53 -5.08 -35.77
N THR A 248 16.69 -5.17 -36.80
CA THR A 248 17.10 -5.67 -38.14
C THR A 248 17.72 -4.65 -39.08
N MET A 249 17.64 -3.36 -38.76
CA MET A 249 18.17 -2.38 -39.69
C MET A 249 19.13 -1.40 -39.04
N THR A 250 19.93 -0.74 -39.86
CA THR A 250 20.83 0.31 -39.39
C THR A 250 20.00 1.35 -38.61
N HIS A 251 20.60 1.91 -37.55
CA HIS A 251 19.98 2.96 -36.73
C HIS A 251 19.25 4.02 -37.56
N ARG A 252 17.95 4.17 -37.32
CA ARG A 252 17.15 5.24 -37.92
C ARG A 252 17.18 6.37 -36.90
N ARG A 253 17.66 7.54 -37.30
CA ARG A 253 17.67 8.65 -36.35
C ARG A 253 16.25 8.99 -35.88
N PRO A 254 16.11 9.35 -34.59
CA PRO A 254 14.77 9.61 -34.08
C PRO A 254 14.11 10.85 -34.69
N THR A 255 12.78 10.82 -34.70
CA THR A 255 11.98 11.94 -35.15
C THR A 255 12.00 12.99 -34.03
N ILE A 256 12.60 14.13 -34.32
CA ILE A 256 12.81 15.17 -33.31
C ILE A 256 11.65 16.17 -33.33
N GLU A 257 11.08 16.38 -32.15
CA GLU A 257 9.96 17.33 -31.97
C GLU A 257 10.33 18.39 -30.96
N LYS A 258 9.53 19.45 -30.91
CA LYS A 258 9.68 20.52 -29.95
C LYS A 258 9.27 20.07 -28.55
N ASP A 259 10.03 20.51 -27.55
CA ASP A 259 9.68 20.25 -26.15
C ASP A 259 8.51 21.17 -25.74
N VAL A 260 7.87 20.84 -24.62
CA VAL A 260 6.72 21.60 -24.13
C VAL A 260 7.15 22.89 -23.43
N ASP A 261 6.34 23.93 -23.58
CA ASP A 261 6.55 25.16 -22.81
C ASP A 261 5.43 25.42 -21.79
N LEU A 262 5.71 25.56 -20.48
CA LEU A 262 4.87 24.98 -19.45
C LEU A 262 4.34 26.26 -18.73
N GLY A 263 4.73 27.45 -19.19
CA GLY A 263 4.17 28.69 -18.53
C GLY A 263 5.21 29.45 -17.71
N ALA A 264 4.93 30.65 -17.20
CA ALA A 264 4.46 30.90 -15.82
C ALA A 264 3.03 31.24 -15.27
N GLY A 265 3.03 31.56 -13.97
CA GLY A 265 1.86 32.14 -13.25
C GLY A 265 1.00 31.18 -12.43
N THR A 266 0.12 31.74 -11.58
CA THR A 266 -0.79 30.93 -10.78
C THR A 266 -2.09 30.59 -11.50
N ARG A 267 -2.80 29.57 -11.01
CA ARG A 267 -4.15 29.25 -11.45
C ARG A 267 -5.13 29.45 -10.30
N GLU B 12 -8.22 -27.63 1.15
CA GLU B 12 -7.68 -27.54 2.55
C GLU B 12 -6.35 -26.80 2.59
N THR B 13 -6.35 -25.68 3.32
CA THR B 13 -5.24 -24.76 3.34
C THR B 13 -4.19 -25.19 4.35
N LEU B 14 -2.99 -24.63 4.24
CA LEU B 14 -1.91 -24.86 5.18
C LEU B 14 -2.34 -24.45 6.60
N GLY B 15 -3.08 -23.34 6.70
CA GLY B 15 -3.59 -22.88 8.00
C GLY B 15 -4.55 -23.89 8.61
N GLU B 16 -5.40 -24.50 7.79
CA GLU B 16 -6.31 -25.55 8.29
C GLU B 16 -5.54 -26.76 8.82
N LYS B 17 -4.42 -27.07 8.17
CA LYS B 17 -3.57 -28.18 8.61
C LYS B 17 -2.87 -27.84 9.94
N TRP B 18 -2.45 -26.58 10.07
CA TRP B 18 -1.92 -26.08 11.34
C TRP B 18 -2.98 -26.23 12.44
N LYS B 19 -4.21 -25.82 12.14
CA LYS B 19 -5.30 -25.83 13.13
C LYS B 19 -5.59 -27.25 13.63
N LYS B 20 -5.65 -28.21 12.70
CA LYS B 20 -5.80 -29.61 13.10
C LYS B 20 -4.72 -30.07 14.07
N LYS B 21 -3.47 -29.76 13.79
CA LYS B 21 -2.36 -30.14 14.66
C LYS B 21 -2.47 -29.44 16.00
N LEU B 22 -2.85 -28.16 15.98
CA LEU B 22 -3.04 -27.41 17.22
C LEU B 22 -4.09 -28.05 18.12
N ASN B 23 -5.21 -28.47 17.54
CA ASN B 23 -6.32 -29.06 18.28
C ASN B 23 -6.02 -30.42 18.94
N GLN B 24 -4.98 -31.10 18.52
CA GLN B 24 -4.68 -32.43 19.05
C GLN B 24 -3.52 -32.43 20.04
N LEU B 25 -2.92 -31.25 20.26
CA LEU B 25 -1.96 -31.09 21.34
C LEU B 25 -2.67 -31.20 22.70
N SER B 26 -1.97 -31.74 23.69
CA SER B 26 -2.44 -31.69 25.08
C SER B 26 -2.31 -30.28 25.65
N ARG B 27 -2.88 -30.04 26.82
CA ARG B 27 -2.75 -28.74 27.47
C ARG B 27 -1.31 -28.39 27.83
N LYS B 28 -0.51 -29.39 28.19
CA LYS B 28 0.92 -29.18 28.47
C LYS B 28 1.71 -28.85 27.18
N GLU B 29 1.40 -29.56 26.10
CA GLU B 29 2.07 -29.35 24.82
C GLU B 29 1.67 -27.99 24.24
N PHE B 30 0.40 -27.64 24.40
CA PHE B 30 -0.17 -26.36 23.95
C PHE B 30 0.49 -25.16 24.65
N ASP B 31 0.56 -25.21 25.98
CA ASP B 31 1.21 -24.18 26.78
C ASP B 31 2.68 -23.95 26.45
N LEU B 32 3.36 -25.02 26.05
CA LEU B 32 4.76 -24.95 25.63
C LEU B 32 4.87 -24.40 24.19
N TYR B 33 4.05 -24.93 23.29
CA TYR B 33 4.05 -24.52 21.90
C TYR B 33 3.77 -23.02 21.74
N LYS B 34 2.77 -22.55 22.48
CA LYS B 34 2.21 -21.20 22.26
C LYS B 34 3.20 -20.06 22.46
N LYS B 35 4.23 -20.31 23.28
CA LYS B 35 5.29 -19.33 23.53
C LYS B 35 6.60 -19.56 22.79
N SER B 36 6.78 -20.69 22.12
CA SER B 36 8.07 -21.00 21.51
C SER B 36 8.50 -19.98 20.46
N GLY B 37 9.62 -19.29 20.73
CA GLY B 37 10.20 -18.33 19.77
C GLY B 37 9.46 -17.00 19.60
N ILE B 38 8.41 -16.78 20.39
CA ILE B 38 7.66 -15.51 20.29
C ILE B 38 8.37 -14.38 21.03
N THR B 39 7.84 -13.17 20.89
CA THR B 39 8.28 -12.05 21.69
C THR B 39 7.18 -11.79 22.71
N GLU B 40 7.55 -11.40 23.93
CA GLU B 40 6.54 -10.95 24.87
C GLU B 40 7.09 -9.91 25.82
N VAL B 41 6.22 -9.00 26.24
CA VAL B 41 6.63 -8.01 27.21
C VAL B 41 6.53 -8.57 28.62
N ASP B 42 7.41 -8.09 29.49
CA ASP B 42 7.38 -8.51 30.87
C ASP B 42 6.32 -7.72 31.60
N ARG B 43 5.26 -8.40 32.02
CA ARG B 43 4.07 -7.78 32.59
C ARG B 43 4.12 -7.78 34.11
N THR B 44 5.25 -8.19 34.66
CA THR B 44 5.38 -8.40 36.11
C THR B 44 5.08 -7.11 36.90
N GLU B 45 5.75 -6.03 36.53
CA GLU B 45 5.60 -4.76 37.25
C GLU B 45 4.20 -4.17 37.07
N ALA B 46 3.68 -4.23 35.84
CA ALA B 46 2.34 -3.71 35.55
C ALA B 46 1.25 -4.44 36.33
N LYS B 47 1.37 -5.76 36.40
CA LYS B 47 0.34 -6.57 37.03
C LYS B 47 0.27 -6.26 38.51
N GLU B 48 1.45 -6.13 39.13
CA GLU B 48 1.54 -5.71 40.53
C GLU B 48 0.96 -4.29 40.72
N GLY B 49 1.33 -3.34 39.87
CA GLY B 49 0.79 -1.98 39.96
C GLY B 49 -0.72 -1.93 39.89
N LEU B 50 -1.28 -2.70 38.96
CA LEU B 50 -2.70 -2.68 38.70
C LEU B 50 -3.44 -3.34 39.86
N LYS B 51 -2.82 -4.38 40.42
CA LYS B 51 -3.34 -5.01 41.63
C LYS B 51 -3.49 -4.00 42.78
N ARG B 52 -2.49 -3.12 42.93
CA ARG B 52 -2.51 -2.08 43.97
C ARG B 52 -3.34 -0.85 43.62
N GLY B 53 -4.00 -0.88 42.46
CA GLY B 53 -4.82 0.24 42.06
C GLY B 53 -4.09 1.43 41.47
N GLU B 54 -2.84 1.24 41.04
CA GLU B 54 -2.05 2.33 40.46
C GLU B 54 -2.60 2.71 39.10
N THR B 55 -2.60 4.01 38.81
CA THR B 55 -3.30 4.55 37.64
C THR B 55 -2.33 5.21 36.65
N THR B 56 -1.04 5.25 37.00
CA THR B 56 -0.04 5.87 36.11
C THR B 56 0.98 4.84 35.61
N HIS B 57 1.58 5.17 34.46
CA HIS B 57 2.67 4.37 33.82
C HIS B 57 2.23 3.06 33.21
N HIS B 58 1.51 2.23 33.96
CA HIS B 58 1.21 0.87 33.50
C HIS B 58 0.24 0.83 32.33
N ALA B 59 0.49 -0.10 31.42
CA ALA B 59 -0.50 -0.48 30.41
C ALA B 59 -1.50 -1.43 31.05
N VAL B 60 -2.77 -1.31 30.67
CA VAL B 60 -3.83 -2.15 31.30
C VAL B 60 -3.80 -3.59 30.84
N SER B 61 -3.12 -3.82 29.72
CA SER B 61 -3.10 -5.14 29.10
C SER B 61 -1.87 -5.28 28.22
N ARG B 62 -1.62 -6.48 27.70
CA ARG B 62 -0.52 -6.65 26.72
C ARG B 62 -0.82 -5.89 25.41
N GLY B 63 -2.05 -5.39 25.24
CA GLY B 63 -2.46 -4.77 23.96
C GLY B 63 -1.70 -3.48 23.61
N SER B 64 -1.28 -2.71 24.64
CA SER B 64 -0.55 -1.47 24.38
C SER B 64 0.76 -1.78 23.63
N ALA B 65 1.54 -2.76 24.14
CA ALA B 65 2.80 -3.16 23.51
C ALA B 65 2.53 -3.70 22.10
N LYS B 66 1.48 -4.49 21.96
CA LYS B 66 1.10 -5.08 20.67
C LYS B 66 0.84 -4.01 19.61
N LEU B 67 0.01 -3.03 19.96
CA LEU B 67 -0.24 -1.91 19.03
C LEU B 67 1.03 -1.11 18.75
N GLN B 68 1.83 -0.87 19.80
CA GLN B 68 3.08 -0.11 19.62
C GLN B 68 3.97 -0.74 18.53
N TRP B 69 3.97 -2.06 18.47
CA TRP B 69 4.81 -2.78 17.48
C TRP B 69 4.45 -2.36 16.03
N PHE B 70 3.15 -2.29 15.77
CA PHE B 70 2.67 -1.75 14.49
C PHE B 70 3.00 -0.27 14.33
N VAL B 71 2.72 0.52 15.36
CA VAL B 71 2.82 1.97 15.22
C VAL B 71 4.27 2.42 15.02
N GLU B 72 5.20 1.80 15.74
CA GLU B 72 6.62 2.21 15.63
C GLU B 72 7.22 1.82 14.27
N ARG B 73 6.50 1.03 13.49
CA ARG B 73 6.89 0.67 12.13
C ARG B 73 5.99 1.33 11.08
N ASN B 74 5.21 2.35 11.51
CA ASN B 74 4.38 3.11 10.59
C ASN B 74 3.32 2.30 9.85
N MET B 75 2.95 1.13 10.38
CA MET B 75 1.96 0.29 9.73
C MET B 75 0.55 0.89 9.85
N VAL B 76 0.33 1.55 10.99
CA VAL B 76 -0.84 2.38 11.20
C VAL B 76 -0.33 3.58 11.95
N ILE B 77 -0.83 4.75 11.60
CA ILE B 77 -0.36 6.00 12.17
C ILE B 77 -1.52 6.70 12.86
N PRO B 78 -1.74 6.39 14.15
CA PRO B 78 -2.92 6.94 14.83
C PRO B 78 -2.86 8.46 14.79
N GLU B 79 -3.97 9.08 14.39
CA GLU B 79 -4.06 10.54 14.34
C GLU B 79 -5.48 11.01 14.52
N GLY B 80 -5.65 12.26 14.95
CA GLY B 80 -6.97 12.88 15.05
C GLY B 80 -7.94 12.09 15.92
N ARG B 81 -9.15 11.89 15.40
CA ARG B 81 -10.18 11.16 16.11
C ARG B 81 -9.99 9.66 15.88
N VAL B 82 -9.65 8.94 16.96
CA VAL B 82 -9.42 7.49 16.93
C VAL B 82 -10.63 6.79 17.51
N ILE B 83 -11.16 5.82 16.76
CA ILE B 83 -12.23 4.93 17.22
C ILE B 83 -11.62 3.54 17.46
N ASP B 84 -11.82 3.03 18.66
CA ASP B 84 -11.26 1.77 19.09
C ASP B 84 -12.42 0.82 19.35
N LEU B 85 -12.72 -0.02 18.36
CA LEU B 85 -13.83 -0.99 18.44
C LEU B 85 -13.40 -2.28 19.17
N GLY B 86 -14.13 -2.63 20.24
CA GLY B 86 -13.83 -3.73 21.21
C GLY B 86 -12.52 -3.27 21.79
N CYS B 87 -12.53 -2.09 22.40
CA CYS B 87 -11.58 -1.75 23.45
C CYS B 87 -11.19 -2.62 24.63
N GLY B 88 -12.09 -3.46 25.14
CA GLY B 88 -11.75 -4.24 26.33
C GLY B 88 -11.33 -3.31 27.46
N ARG B 89 -10.22 -3.66 28.14
CA ARG B 89 -9.72 -2.89 29.28
C ARG B 89 -9.20 -1.51 28.86
N GLY B 90 -8.82 -1.41 27.57
CA GLY B 90 -8.45 -0.12 26.98
C GLY B 90 -6.99 0.00 26.51
N GLY B 91 -6.29 -1.12 26.34
CA GLY B 91 -4.84 -1.07 26.02
C GLY B 91 -4.49 -0.26 24.78
N TRP B 92 -5.26 -0.42 23.71
CA TRP B 92 -5.02 0.34 22.50
C TRP B 92 -5.38 1.82 22.67
N SER B 93 -6.49 2.07 23.34
CA SER B 93 -6.93 3.45 23.57
C SER B 93 -5.97 4.27 24.40
N TYR B 94 -5.52 3.71 25.51
CA TYR B 94 -4.56 4.46 26.35
C TYR B 94 -3.21 4.63 25.67
N TYR B 95 -2.79 3.65 24.86
CA TYR B 95 -1.56 3.85 24.07
C TYR B 95 -1.76 5.03 23.10
N CYS B 96 -2.83 5.02 22.31
CA CYS B 96 -3.03 6.09 21.32
C CYS B 96 -3.19 7.46 21.95
N ALA B 97 -3.73 7.48 23.15
CA ALA B 97 -3.95 8.76 23.89
C ALA B 97 -2.67 9.58 24.15
N GLY B 98 -1.51 8.91 24.12
CA GLY B 98 -0.21 9.56 24.41
C GLY B 98 0.51 10.03 23.15
N LEU B 99 -0.08 9.74 21.99
CA LEU B 99 0.56 10.02 20.69
C LEU B 99 0.25 11.45 20.24
N LYS B 100 1.31 12.18 19.86
CA LYS B 100 1.14 13.63 19.57
C LYS B 100 0.03 13.96 18.56
N LYS B 101 -0.07 13.16 17.50
CA LYS B 101 -1.03 13.44 16.42
C LYS B 101 -2.49 13.15 16.78
N VAL B 102 -2.69 12.40 17.87
CA VAL B 102 -4.03 11.97 18.27
C VAL B 102 -4.71 13.08 19.07
N THR B 103 -5.98 13.34 18.77
CA THR B 103 -6.70 14.44 19.43
C THR B 103 -7.89 13.99 20.29
N GLU B 104 -8.41 12.79 20.02
CA GLU B 104 -9.61 12.27 20.73
C GLU B 104 -9.61 10.77 20.53
N VAL B 105 -9.90 10.02 21.58
CA VAL B 105 -9.96 8.55 21.48
C VAL B 105 -11.29 8.12 22.05
N ARG B 106 -12.06 7.39 21.26
CA ARG B 106 -13.33 6.86 21.73
C ARG B 106 -13.29 5.35 21.61
N GLY B 107 -13.37 4.67 22.75
CA GLY B 107 -13.30 3.22 22.77
C GLY B 107 -14.67 2.65 23.11
N TYR B 108 -15.01 1.53 22.47
CA TYR B 108 -16.33 0.91 22.70
C TYR B 108 -16.15 -0.57 22.93
N THR B 109 -16.84 -1.10 23.93
CA THR B 109 -16.71 -2.52 24.22
C THR B 109 -17.99 -3.07 24.85
N LYS B 110 -18.18 -4.37 24.72
CA LYS B 110 -19.43 -5.04 25.14
C LYS B 110 -19.56 -5.05 26.66
N GLY B 111 -18.49 -5.43 27.34
CA GLY B 111 -18.48 -5.60 28.80
C GLY B 111 -19.53 -6.62 29.22
N GLY B 112 -19.91 -6.58 30.50
CA GLY B 112 -20.82 -7.58 31.05
C GLY B 112 -20.13 -8.91 31.34
N PRO B 113 -20.91 -9.94 31.69
CA PRO B 113 -20.30 -11.25 31.97
C PRO B 113 -19.87 -12.00 30.71
N GLY B 114 -18.76 -12.71 30.67
CA GLY B 114 -17.49 -12.39 31.26
C GLY B 114 -16.72 -11.81 30.06
N HIS B 115 -16.91 -10.52 29.86
CA HIS B 115 -16.17 -9.72 28.91
C HIS B 115 -15.41 -8.68 29.72
N GLU B 116 -14.28 -8.22 29.17
CA GLU B 116 -13.45 -7.31 29.93
CA GLU B 116 -13.42 -7.29 29.85
C GLU B 116 -14.10 -5.94 30.02
N GLU B 117 -13.99 -5.32 31.20
CA GLU B 117 -14.53 -3.96 31.33
C GLU B 117 -13.40 -2.96 31.18
N PRO B 118 -13.70 -1.77 30.64
CA PRO B 118 -12.67 -0.71 30.62
C PRO B 118 -12.10 -0.44 32.01
N VAL B 119 -10.78 -0.27 32.06
CA VAL B 119 -10.07 0.03 33.31
C VAL B 119 -9.73 1.52 33.28
N PRO B 120 -10.23 2.28 34.26
CA PRO B 120 -9.85 3.71 34.33
C PRO B 120 -8.38 3.90 34.71
N MET B 121 -7.69 4.73 33.94
CA MET B 121 -6.30 5.04 34.17
C MET B 121 -6.03 6.53 34.06
N SER B 122 -4.86 6.93 34.55
CA SER B 122 -4.42 8.31 34.42
C SER B 122 -3.08 8.37 33.72
N THR B 123 -2.88 7.47 32.75
CA THR B 123 -1.67 7.51 31.95
C THR B 123 -1.70 8.76 31.03
N TYR B 124 -0.57 9.09 30.44
CA TYR B 124 -0.45 10.39 29.79
C TYR B 124 -1.50 10.49 28.69
N GLY B 125 -2.26 11.59 28.70
CA GLY B 125 -3.30 11.76 27.70
C GLY B 125 -4.65 11.17 28.05
N TRP B 126 -4.77 10.59 29.26
CA TRP B 126 -6.04 9.98 29.67
C TRP B 126 -7.29 10.85 29.47
N ASN B 127 -7.11 12.17 29.60
CA ASN B 127 -8.24 13.10 29.51
C ASN B 127 -8.91 13.14 28.14
N ILE B 128 -8.20 12.72 27.08
CA ILE B 128 -8.82 12.69 25.75
C ILE B 128 -9.48 11.34 25.39
N VAL B 129 -9.55 10.42 26.37
CA VAL B 129 -10.11 9.09 26.15
C VAL B 129 -11.50 9.00 26.75
N LYS B 130 -12.42 8.38 26.00
CA LYS B 130 -13.69 7.97 26.62
C LYS B 130 -13.92 6.53 26.24
N LEU B 131 -13.95 5.67 27.27
CA LEU B 131 -14.21 4.23 27.09
C LEU B 131 -15.65 3.96 27.48
N MET B 132 -16.38 3.36 26.55
CA MET B 132 -17.81 3.09 26.77
C MET B 132 -18.06 1.60 26.76
N SER B 133 -18.52 1.08 27.89
CA SER B 133 -18.94 -0.31 28.02
C SER B 133 -20.44 -0.43 27.74
N GLY B 134 -20.93 -1.68 27.64
CA GLY B 134 -22.31 -1.97 27.27
C GLY B 134 -22.61 -1.64 25.82
N LYS B 135 -21.57 -1.60 24.99
CA LYS B 135 -21.71 -1.19 23.59
C LYS B 135 -21.43 -2.35 22.64
N ASP B 136 -22.43 -2.72 21.85
CA ASP B 136 -22.28 -3.72 20.77
C ASP B 136 -21.91 -2.98 19.49
N VAL B 137 -20.64 -3.10 19.05
CA VAL B 137 -20.20 -2.28 17.93
C VAL B 137 -20.93 -2.61 16.62
N PHE B 138 -21.56 -3.79 16.57
CA PHE B 138 -22.37 -4.16 15.40
C PHE B 138 -23.56 -3.22 15.19
N TYR B 139 -23.92 -2.48 16.23
CA TYR B 139 -25.00 -1.49 16.16
C TYR B 139 -24.54 -0.05 16.25
N LEU B 140 -23.23 0.18 16.19
CA LEU B 140 -22.73 1.55 16.22
C LEU B 140 -22.70 2.06 14.77
N PRO B 141 -23.53 3.06 14.43
CA PRO B 141 -23.45 3.63 13.07
C PRO B 141 -22.05 4.20 12.87
N PRO B 142 -21.45 3.92 11.70
CA PRO B 142 -20.19 4.57 11.35
C PRO B 142 -20.26 6.09 11.44
N GLU B 143 -19.25 6.68 12.07
CA GLU B 143 -19.11 8.10 12.17
C GLU B 143 -17.77 8.48 11.59
N LYS B 144 -17.59 9.76 11.27
CA LYS B 144 -16.31 10.19 10.72
C LYS B 144 -15.22 10.04 11.76
N CYS B 145 -14.07 9.56 11.31
CA CYS B 145 -12.93 9.35 12.17
C CYS B 145 -11.68 9.26 11.32
N ASP B 146 -10.55 9.54 11.94
CA ASP B 146 -9.29 9.61 11.23
C ASP B 146 -8.50 8.31 11.37
N THR B 147 -8.80 7.56 12.44
CA THR B 147 -8.17 6.27 12.69
C THR B 147 -9.22 5.27 13.18
N LEU B 148 -9.28 4.11 12.53
CA LEU B 148 -10.21 3.03 12.88
C LEU B 148 -9.43 1.82 13.37
N LEU B 149 -9.61 1.48 14.64
CA LEU B 149 -8.95 0.32 15.23
C LEU B 149 -10.01 -0.71 15.61
N CYS B 150 -9.70 -1.98 15.41
CA CYS B 150 -10.63 -3.02 15.83
C CYS B 150 -9.83 -4.25 16.24
N ASP B 151 -10.10 -4.78 17.45
CA ASP B 151 -9.32 -5.95 17.95
C ASP B 151 -10.25 -7.12 18.29
N ILE B 152 -11.39 -7.15 17.64
CA ILE B 152 -12.45 -8.14 17.91
C ILE B 152 -12.25 -9.43 17.12
N GLY B 153 -12.38 -10.55 17.83
CA GLY B 153 -12.35 -11.88 17.18
C GLY B 153 -12.14 -12.95 18.22
N GLU B 154 -13.21 -13.68 18.55
CA GLU B 154 -13.15 -14.70 19.58
C GLU B 154 -12.73 -16.06 18.99
N SER B 155 -11.67 -16.66 19.52
CA SER B 155 -11.17 -17.93 19.00
C SER B 155 -12.10 -19.10 19.29
N SER B 156 -11.97 -20.15 18.47
CA SER B 156 -12.76 -21.37 18.64
C SER B 156 -11.91 -22.51 18.09
N PRO B 157 -12.07 -23.73 18.62
CA PRO B 157 -11.40 -24.92 18.04
C PRO B 157 -11.90 -25.19 16.60
N SER B 158 -13.10 -24.70 16.30
CA SER B 158 -13.66 -24.83 14.95
C SER B 158 -13.24 -23.68 14.04
N PRO B 159 -12.47 -23.98 12.97
CA PRO B 159 -12.11 -22.92 12.03
C PRO B 159 -13.31 -22.40 11.25
N THR B 160 -14.37 -23.19 11.13
CA THR B 160 -15.59 -22.69 10.45
C THR B 160 -16.36 -21.69 11.33
N VAL B 161 -16.39 -21.93 12.64
CA VAL B 161 -16.91 -20.92 13.59
C VAL B 161 -16.08 -19.64 13.50
N GLU B 162 -14.76 -19.77 13.50
CA GLU B 162 -13.87 -18.61 13.40
C GLU B 162 -14.03 -17.89 12.06
N GLU B 163 -14.21 -18.65 10.99
CA GLU B 163 -14.48 -18.05 9.67
C GLU B 163 -15.72 -17.14 9.70
N SER B 164 -16.81 -17.65 10.28
CA SER B 164 -18.05 -16.89 10.43
C SER B 164 -17.85 -15.59 11.24
N ARG B 165 -17.12 -15.73 12.34
CA ARG B 165 -16.85 -14.60 13.24
C ARG B 165 -16.00 -13.55 12.53
N THR B 166 -15.02 -14.02 11.78
CA THR B 166 -14.08 -13.13 11.10
C THR B 166 -14.77 -12.34 10.00
N ILE B 167 -15.60 -13.03 9.21
CA ILE B 167 -16.36 -12.38 8.16
C ILE B 167 -17.33 -11.34 8.75
N ARG B 168 -17.94 -11.65 9.89
CA ARG B 168 -18.84 -10.70 10.54
C ARG B 168 -18.09 -9.41 10.93
N VAL B 169 -16.90 -9.56 11.51
CA VAL B 169 -16.07 -8.40 11.81
C VAL B 169 -15.75 -7.59 10.56
N LEU B 170 -15.33 -8.28 9.51
CA LEU B 170 -14.92 -7.62 8.27
C LEU B 170 -16.08 -6.82 7.67
N LYS B 171 -17.27 -7.40 7.71
CA LYS B 171 -18.45 -6.68 7.22
C LYS B 171 -18.80 -5.45 8.06
N MET B 172 -18.65 -5.57 9.38
CA MET B 172 -18.87 -4.48 10.31
C MET B 172 -17.88 -3.28 10.15
N VAL B 173 -16.59 -3.57 10.00
CA VAL B 173 -15.60 -2.50 9.94
C VAL B 173 -15.65 -1.76 8.63
N GLU B 174 -16.04 -2.43 7.56
CA GLU B 174 -15.92 -1.85 6.22
C GLU B 174 -16.52 -0.43 6.07
N PRO B 175 -17.80 -0.20 6.50
CA PRO B 175 -18.33 1.17 6.31
C PRO B 175 -17.65 2.28 7.12
N TRP B 176 -16.74 1.92 8.03
CA TRP B 176 -15.96 2.89 8.79
C TRP B 176 -14.75 3.39 8.03
N LEU B 177 -14.38 2.67 6.97
CA LEU B 177 -13.14 2.93 6.28
C LEU B 177 -13.39 3.92 5.16
N LYS B 178 -12.84 5.10 5.33
CA LYS B 178 -13.08 6.21 4.41
C LYS B 178 -11.77 6.91 4.18
N ASN B 179 -10.86 6.24 3.49
CA ASN B 179 -9.51 6.80 3.27
C ASN B 179 -8.89 7.30 4.60
N ASN B 180 -8.95 6.46 5.61
CA ASN B 180 -8.36 6.76 6.93
C ASN B 180 -7.39 5.67 7.37
N GLN B 181 -6.68 5.93 8.46
CA GLN B 181 -5.75 4.96 9.03
C GLN B 181 -6.54 3.85 9.68
N PHE B 182 -6.09 2.60 9.56
CA PHE B 182 -6.78 1.51 10.27
C PHE B 182 -5.83 0.36 10.65
N CYS B 183 -6.26 -0.41 11.63
CA CYS B 183 -5.55 -1.59 12.08
C CYS B 183 -6.64 -2.51 12.65
N ILE B 184 -6.87 -3.62 11.97
CA ILE B 184 -8.05 -4.45 12.24
C ILE B 184 -7.63 -5.89 12.38
N LYS B 185 -7.97 -6.52 13.51
CA LYS B 185 -7.63 -7.91 13.73
C LYS B 185 -8.43 -8.80 12.79
N VAL B 186 -7.71 -9.74 12.19
CA VAL B 186 -8.33 -10.78 11.36
C VAL B 186 -8.07 -12.09 12.07
N LEU B 187 -9.09 -12.54 12.78
CA LEU B 187 -8.95 -13.69 13.69
C LEU B 187 -8.46 -14.95 12.96
N ASN B 188 -9.09 -15.26 11.84
CA ASN B 188 -8.73 -16.44 11.07
C ASN B 188 -8.59 -16.01 9.61
N PRO B 189 -7.35 -15.73 9.19
CA PRO B 189 -7.08 -15.21 7.86
C PRO B 189 -6.88 -16.28 6.76
N TYR B 190 -6.90 -17.55 7.16
CA TYR B 190 -6.50 -18.62 6.23
C TYR B 190 -7.66 -19.38 5.58
N MET B 191 -8.86 -19.26 6.12
CA MET B 191 -10.02 -19.93 5.54
C MET B 191 -10.34 -19.32 4.16
N PRO B 192 -10.54 -20.17 3.14
CA PRO B 192 -10.72 -19.65 1.77
C PRO B 192 -11.72 -18.51 1.64
N THR B 193 -12.87 -18.60 2.31
CA THR B 193 -13.88 -17.55 2.21
C THR B 193 -13.38 -16.22 2.82
N VAL B 194 -12.60 -16.31 3.89
CA VAL B 194 -12.01 -15.11 4.49
C VAL B 194 -11.03 -14.51 3.53
N ILE B 195 -10.20 -15.36 2.93
CA ILE B 195 -9.23 -14.89 1.93
C ILE B 195 -9.93 -14.13 0.79
N GLU B 196 -11.04 -14.67 0.30
CA GLU B 196 -11.78 -14.03 -0.81
C GLU B 196 -12.24 -12.66 -0.39
N HIS B 197 -12.81 -12.59 0.80
CA HIS B 197 -13.31 -11.37 1.35
C HIS B 197 -12.21 -10.33 1.55
N LEU B 198 -11.04 -10.79 2.01
CA LEU B 198 -9.91 -9.89 2.24
C LEU B 198 -9.38 -9.33 0.93
N GLU B 199 -9.34 -10.17 -0.10
CA GLU B 199 -8.85 -9.73 -1.41
C GLU B 199 -9.76 -8.64 -1.97
N ARG B 200 -11.06 -8.82 -1.79
CA ARG B 200 -12.10 -7.87 -2.18
CA ARG B 200 -12.05 -7.84 -2.23
C ARG B 200 -11.89 -6.54 -1.47
N LEU B 201 -11.71 -6.62 -0.14
CA LEU B 201 -11.47 -5.42 0.68
C LEU B 201 -10.19 -4.69 0.31
N GLN B 202 -9.12 -5.44 0.03
CA GLN B 202 -7.86 -4.84 -0.34
C GLN B 202 -7.96 -4.10 -1.69
N ARG B 203 -8.71 -4.67 -2.64
CA ARG B 203 -8.92 -3.98 -3.94
C ARG B 203 -9.64 -2.65 -3.77
N LYS B 204 -10.48 -2.57 -2.74
CA LYS B 204 -11.25 -1.39 -2.48
C LYS B 204 -10.55 -0.34 -1.62
N HIS B 205 -9.95 -0.78 -0.52
CA HIS B 205 -9.43 0.08 0.53
C HIS B 205 -7.93 0.00 0.67
N GLY B 206 -7.30 -0.96 -0.01
CA GLY B 206 -5.84 -1.08 0.08
C GLY B 206 -5.44 -1.69 1.42
N GLY B 207 -4.22 -1.37 1.85
CA GLY B 207 -3.62 -1.98 3.05
C GLY B 207 -3.11 -3.40 2.80
N MET B 208 -2.67 -4.04 3.87
CA MET B 208 -2.16 -5.40 3.79
CA MET B 208 -2.03 -5.35 3.82
C MET B 208 -2.28 -6.08 5.13
N LEU B 209 -2.19 -7.41 5.13
CA LEU B 209 -2.19 -8.22 6.35
C LEU B 209 -0.77 -8.37 6.88
N VAL B 210 -0.62 -8.20 8.18
CA VAL B 210 0.69 -8.36 8.84
C VAL B 210 0.56 -9.25 10.07
N ARG B 211 1.61 -10.03 10.34
CA ARG B 211 1.75 -10.83 11.54
C ARG B 211 2.56 -10.11 12.62
N ASN B 212 2.00 -10.03 13.81
CA ASN B 212 2.67 -9.36 14.92
C ASN B 212 3.46 -10.43 15.70
N PRO B 213 4.78 -10.23 15.93
CA PRO B 213 5.55 -11.25 16.63
C PRO B 213 5.21 -11.40 18.10
N LEU B 214 4.42 -10.47 18.64
CA LEU B 214 3.93 -10.60 20.01
C LEU B 214 2.69 -11.50 20.08
N SER B 215 2.15 -11.90 18.91
CA SER B 215 1.08 -12.89 18.89
C SER B 215 1.65 -14.26 19.31
N ARG B 216 0.87 -14.98 20.10
CA ARG B 216 1.22 -16.34 20.47
C ARG B 216 1.11 -17.28 19.28
N ASN B 217 1.86 -18.37 19.33
CA ASN B 217 1.80 -19.39 18.27
C ASN B 217 0.46 -20.08 18.21
N SER B 218 -0.31 -19.97 19.28
CA SER B 218 -1.61 -20.61 19.39
C SER B 218 -2.73 -19.89 18.61
N THR B 219 -2.41 -18.73 18.05
CA THR B 219 -3.38 -18.02 17.22
C THR B 219 -2.77 -17.67 15.86
N HIS B 220 -3.56 -17.81 14.80
CA HIS B 220 -3.12 -17.48 13.45
C HIS B 220 -3.50 -16.03 13.08
N GLU B 221 -3.90 -15.23 14.10
CA GLU B 221 -4.39 -13.86 13.86
C GLU B 221 -3.37 -13.04 13.09
N MET B 222 -3.89 -12.26 12.15
CA MET B 222 -3.07 -11.24 11.50
C MET B 222 -3.89 -9.96 11.52
N TYR B 223 -3.23 -8.83 11.27
CA TYR B 223 -3.89 -7.53 11.31
C TYR B 223 -3.85 -6.91 9.92
N TRP B 224 -5.04 -6.52 9.48
CA TRP B 224 -5.20 -5.73 8.28
C TRP B 224 -4.83 -4.28 8.63
N ILE B 225 -3.74 -3.78 8.08
CA ILE B 225 -3.31 -2.42 8.37
C ILE B 225 -3.39 -1.56 7.09
N SER B 226 -3.56 -0.26 7.28
CA SER B 226 -3.84 0.63 6.14
C SER B 226 -2.62 0.87 5.24
N ASN B 227 -1.43 0.91 5.85
CA ASN B 227 -0.22 1.42 5.18
C ASN B 227 0.66 0.34 4.60
N GLY B 228 0.20 -0.23 3.49
CA GLY B 228 0.94 -1.32 2.87
C GLY B 228 0.19 -1.92 1.72
N THR B 229 0.88 -2.79 0.99
CA THR B 229 0.38 -3.44 -0.19
C THR B 229 0.96 -4.85 -0.13
N GLY B 230 0.50 -5.73 -1.02
CA GLY B 230 1.11 -7.04 -1.10
C GLY B 230 0.12 -8.15 -1.30
N ASN B 231 0.65 -9.36 -1.31
CA ASN B 231 -0.11 -10.52 -1.65
C ASN B 231 -0.62 -11.16 -0.38
N ILE B 232 -1.93 -11.06 -0.17
CA ILE B 232 -2.53 -11.59 1.05
C ILE B 232 -2.34 -13.12 1.19
N VAL B 233 -2.62 -13.87 0.11
CA VAL B 233 -2.42 -15.33 0.14
C VAL B 233 -0.99 -15.70 0.55
N SER B 234 -0.02 -15.05 -0.08
CA SER B 234 1.36 -15.27 0.22
C SER B 234 1.67 -15.01 1.71
N SER B 235 1.25 -13.85 2.21
CA SER B 235 1.51 -13.50 3.61
C SER B 235 0.89 -14.51 4.59
N VAL B 236 -0.34 -14.94 4.32
CA VAL B 236 -1.04 -15.92 5.16
C VAL B 236 -0.28 -17.25 5.17
N ASN B 237 0.08 -17.74 3.98
CA ASN B 237 0.85 -19.00 3.91
C ASN B 237 2.22 -18.94 4.60
N MET B 238 2.88 -17.79 4.55
CA MET B 238 4.16 -17.61 5.25
C MET B 238 3.96 -17.76 6.76
N VAL B 239 2.86 -17.21 7.29
CA VAL B 239 2.54 -17.42 8.71
C VAL B 239 2.20 -18.91 8.97
N SER B 240 1.43 -19.53 8.10
CA SER B 240 1.07 -20.93 8.31
C SER B 240 2.35 -21.77 8.36
N ARG B 241 3.32 -21.47 7.49
CA ARG B 241 4.56 -22.25 7.43
C ARG B 241 5.41 -22.02 8.68
N LEU B 242 5.46 -20.77 9.13
CA LEU B 242 6.17 -20.38 10.35
C LEU B 242 5.61 -21.15 11.55
N LEU B 243 4.29 -21.10 11.74
CA LEU B 243 3.67 -21.78 12.87
C LEU B 243 3.80 -23.31 12.82
N LEU B 244 3.79 -23.88 11.63
CA LEU B 244 3.97 -25.34 11.51
C LEU B 244 5.40 -25.74 11.88
N ASN B 245 6.39 -25.01 11.40
CA ASN B 245 7.76 -25.28 11.77
C ASN B 245 7.98 -25.15 13.27
N ARG B 246 7.24 -24.24 13.92
CA ARG B 246 7.39 -24.04 15.37
C ARG B 246 6.85 -25.20 16.22
N PHE B 247 6.05 -26.09 15.63
CA PHE B 247 5.66 -27.31 16.34
C PHE B 247 6.90 -28.15 16.62
N THR B 248 7.81 -28.23 15.66
CA THR B 248 8.94 -29.18 15.70
C THR B 248 10.35 -28.67 16.07
N MET B 249 10.59 -27.36 16.12
CA MET B 249 11.75 -26.87 16.90
C MET B 249 11.42 -27.30 18.36
N THR B 250 12.36 -27.66 19.24
CA THR B 250 13.50 -26.87 19.74
C THR B 250 13.04 -25.49 20.20
N HIS B 251 12.28 -25.53 21.30
CA HIS B 251 12.03 -24.41 22.23
C HIS B 251 13.42 -23.95 22.63
N ARG B 252 13.85 -22.69 22.45
CA ARG B 252 13.15 -21.36 22.42
C ARG B 252 12.07 -20.85 23.42
N ARG B 253 12.57 -20.41 24.58
CA ARG B 253 11.79 -19.61 25.51
C ARG B 253 11.53 -18.24 24.87
N PRO B 254 10.36 -17.62 25.15
CA PRO B 254 10.10 -16.33 24.48
C PRO B 254 11.15 -15.26 24.73
N THR B 255 11.34 -14.40 23.73
CA THR B 255 12.19 -13.23 23.85
C THR B 255 11.43 -12.19 24.69
N ILE B 256 11.98 -11.88 25.86
CA ILE B 256 11.37 -10.95 26.82
C ILE B 256 11.83 -9.51 26.58
N GLU B 257 10.86 -8.59 26.48
CA GLU B 257 11.13 -7.16 26.32
C GLU B 257 10.48 -6.37 27.44
N LYS B 258 11.00 -5.17 27.67
CA LYS B 258 10.38 -4.29 28.65
C LYS B 258 9.01 -3.84 28.12
N ASP B 259 8.02 -3.83 29.02
CA ASP B 259 6.66 -3.36 28.69
C ASP B 259 6.65 -1.83 28.51
N VAL B 260 5.60 -1.34 27.87
CA VAL B 260 5.50 0.10 27.57
C VAL B 260 5.35 0.87 28.85
N ASP B 261 5.87 2.09 28.84
CA ASP B 261 5.59 2.99 29.92
C ASP B 261 4.83 4.25 29.50
N LEU B 262 3.59 4.44 29.96
CA LEU B 262 2.57 5.13 29.19
C LEU B 262 2.47 6.48 29.99
N GLY B 263 3.42 6.67 30.95
CA GLY B 263 3.57 7.90 31.82
C GLY B 263 2.22 8.31 32.38
N ALA B 264 1.89 9.60 32.42
CA ALA B 264 1.34 10.30 33.60
C ALA B 264 0.81 11.66 33.17
N GLY B 265 -0.41 11.97 33.57
CA GLY B 265 -0.94 13.33 33.47
C GLY B 265 -1.78 13.70 32.25
N THR B 266 -2.36 14.89 32.28
CA THR B 266 -3.25 15.28 31.18
C THR B 266 -2.47 15.84 30.04
N ARG B 267 -3.11 15.84 28.86
CA ARG B 267 -2.65 16.56 27.68
C ARG B 267 -3.47 17.81 27.42
#